data_6FJT
#
_entry.id   6FJT
#
_cell.length_a   70.200
_cell.length_b   71.319
_cell.length_c   72.435
_cell.angle_alpha   90.00
_cell.angle_beta   100.31
_cell.angle_gamma   90.00
#
_symmetry.space_group_name_H-M   'C 1 2 1'
#
loop_
_entity.id
_entity.type
_entity.pdbx_description
1 polymer Prothrombin
2 polymer Prothrombin
3 polymer 'Hirudin variant-2'
4 non-polymer 'SODIUM ION'
5 non-polymer 4-chloranylbenzenecarboximidamide
6 non-polymer 'DIMETHYL SULFOXIDE'
7 non-polymer 'PHOSPHATE ION'
8 non-polymer GLYCEROL
9 non-polymer 2-acetamido-2-deoxy-beta-D-glucopyranose
10 water water
#
loop_
_entity_poly.entity_id
_entity_poly.type
_entity_poly.pdbx_seq_one_letter_code
_entity_poly.pdbx_strand_id
1 'polypeptide(L)' EADCGLRPLFEKKSLEDKTERELLESYI L
2 'polypeptide(L)'
;IVEGSDAEIGMSPWQVMLFRKSPQELLCGASLISDRWVLTAAHCLLYPPWDKNFTENDLLVRIGKHSRTRYERNIEKISM
LEKIYIHPRYNWRENLDRDIALMKLKKPVAFSDYIHPVCLPDRETAASLLQAGYKGRVTGWGNLKETGQPSVLQVVNLPI
VERPVCKDSTRIRITDNMFCAGYKPDEGKRGDACEGDSGGPFVMKSPFNNRWYQMGIVSWGEGCDRDGKYGFYTHVFRLK
KWIQKVIDQFG
;
H
3 'polypeptide(L)' DFEEIPEE(TYS)LQ I
#
loop_
_chem_comp.id
_chem_comp.type
_chem_comp.name
_chem_comp.formula
DKQ non-polymer 4-chloranylbenzenecarboximidamide 'C7 H7 Cl N2'
DMS non-polymer 'DIMETHYL SULFOXIDE' 'C2 H6 O S'
GOL non-polymer GLYCEROL 'C3 H8 O3'
NA non-polymer 'SODIUM ION' 'Na 1'
NAG D-saccharide, beta linking 2-acetamido-2-deoxy-beta-D-glucopyranose 'C8 H15 N O6'
PO4 non-polymer 'PHOSPHATE ION' 'O4 P -3'
#
# COMPACT_ATOMS: atom_id res chain seq x y z
N GLU A 1 -10.39 13.81 -0.22
CA GLU A 1 -11.87 13.95 -0.08
C GLU A 1 -12.28 14.32 1.33
N ALA A 2 -13.37 15.08 1.42
CA ALA A 2 -13.96 15.38 2.72
C ALA A 2 -14.27 14.12 3.50
N ASP A 3 -14.54 13.03 2.81
CA ASP A 3 -14.97 11.79 3.43
C ASP A 3 -13.87 10.74 3.52
N CYS A 4 -12.64 11.12 3.21
CA CYS A 4 -11.58 10.16 3.12
C CYS A 4 -11.35 9.45 4.47
N GLY A 5 -10.90 8.21 4.38
CA GLY A 5 -10.43 7.52 5.55
C GLY A 5 -11.47 7.05 6.52
N LEU A 6 -12.77 7.16 6.18
CA LEU A 6 -13.87 6.72 7.01
C LEU A 6 -14.53 5.54 6.29
N ARG A 7 -14.36 4.34 6.81
CA ARG A 7 -14.78 3.14 6.09
C ARG A 7 -16.28 2.94 6.21
N PRO A 8 -16.95 2.67 5.10
CA PRO A 8 -18.39 2.39 5.17
C PRO A 8 -18.79 1.31 6.17
N LEU A 9 -18.04 0.22 6.25
CA LEU A 9 -18.42 -0.90 7.09
C LEU A 9 -17.88 -0.82 8.50
N PHE A 10 -17.13 0.25 8.81
CA PHE A 10 -16.53 0.41 10.13
C PHE A 10 -16.85 1.78 10.69
N GLU A 11 -16.02 2.79 10.44
CA GLU A 11 -16.23 4.09 11.05
C GLU A 11 -17.61 4.63 10.76
N LYS A 12 -18.11 4.47 9.54
N LYS A 12 -18.12 4.47 9.55
CA LYS A 12 -19.41 5.06 9.21
CA LYS A 12 -19.40 5.06 9.21
C LYS A 12 -20.55 4.44 9.99
C LYS A 12 -20.58 4.40 9.91
N LYS A 13 -20.39 3.21 10.49
CA LYS A 13 -21.38 2.50 11.28
C LYS A 13 -21.00 2.42 12.74
N SER A 14 -19.93 3.08 13.14
CA SER A 14 -19.36 2.94 14.49
C SER A 14 -19.12 1.48 14.88
N LEU A 15 -18.55 0.71 13.96
CA LEU A 15 -18.09 -0.65 14.22
C LEU A 15 -16.57 -0.64 14.16
N GLU A 16 -15.96 -1.37 15.08
CA GLU A 16 -14.50 -1.47 15.20
C GLU A 16 -14.01 -2.76 14.54
N ASP A 17 -12.91 -2.69 13.83
CA ASP A 17 -12.32 -3.91 13.28
C ASP A 17 -11.55 -4.65 14.36
N LYS A 18 -11.13 -5.87 14.06
CA LYS A 18 -10.62 -6.75 15.11
C LYS A 18 -9.30 -6.30 15.72
N THR A 19 -8.50 -5.50 15.03
CA THR A 19 -7.17 -5.18 15.54
C THR A 19 -6.84 -3.68 15.56
N GLU A 20 -7.77 -2.79 15.21
CA GLU A 20 -7.45 -1.38 15.21
C GLU A 20 -7.07 -0.88 16.59
N ARG A 21 -7.58 -1.51 17.64
CA ARG A 21 -7.23 -1.11 19.00
C ARG A 21 -5.72 -1.26 19.25
N GLU A 22 -5.09 -2.25 18.63
CA GLU A 22 -3.64 -2.42 18.77
C GLU A 22 -2.90 -1.18 18.31
N LEU A 23 -3.38 -0.56 17.23
CA LEU A 23 -2.77 0.68 16.77
C LEU A 23 -2.97 1.78 17.80
N LEU A 24 -4.20 1.98 18.27
CA LEU A 24 -4.50 3.04 19.22
C LEU A 24 -3.63 2.90 20.46
N GLU A 25 -3.46 1.68 20.95
CA GLU A 25 -2.68 1.47 22.19
C GLU A 25 -1.21 1.79 22.00
N SER A 26 -0.70 1.76 20.78
CA SER A 26 0.69 2.13 20.52
C SER A 26 0.91 3.63 20.46
N TYR A 27 -0.16 4.43 20.36
CA TYR A 27 -0.03 5.88 20.16
C TYR A 27 0.05 6.55 21.54
N ILE A 28 1.23 6.46 22.15
CA ILE A 28 1.44 6.79 23.57
C ILE A 28 2.20 8.08 23.77
N ILE B 1 2.08 -10.92 2.52
CA ILE B 1 2.24 -10.56 3.95
C ILE B 1 2.58 -11.82 4.74
N VAL B 2 3.63 -11.72 5.56
CA VAL B 2 4.09 -12.82 6.41
C VAL B 2 3.58 -12.59 7.82
N GLU B 3 2.99 -13.63 8.41
CA GLU B 3 2.54 -13.62 9.80
C GLU B 3 1.43 -12.61 10.03
N GLY B 4 0.61 -12.41 9.00
CA GLY B 4 -0.60 -11.61 9.12
C GLY B 4 -1.82 -12.47 9.30
N SER B 5 -2.97 -11.87 9.05
CA SER B 5 -4.22 -12.59 9.13
C SER B 5 -5.14 -12.14 8.00
N ASP B 6 -6.23 -12.89 7.81
CA ASP B 6 -7.19 -12.52 6.78
C ASP B 6 -7.85 -11.19 7.14
N ALA B 7 -7.95 -10.30 6.16
CA ALA B 7 -8.68 -9.06 6.36
C ALA B 7 -10.16 -9.35 6.58
N GLU B 8 -10.81 -8.48 7.35
CA GLU B 8 -12.26 -8.42 7.38
C GLU B 8 -12.80 -7.80 6.09
N ILE B 9 -14.05 -8.16 5.76
CA ILE B 9 -14.69 -7.53 4.61
C ILE B 9 -14.78 -6.02 4.81
N GLY B 10 -14.35 -5.26 3.81
CA GLY B 10 -14.38 -3.81 3.87
C GLY B 10 -13.38 -3.18 4.83
N MET B 11 -12.38 -3.94 5.30
CA MET B 11 -11.44 -3.42 6.27
C MET B 11 -10.47 -2.43 5.64
N SER B 12 -10.19 -2.58 4.35
N SER B 12 -10.13 -2.61 4.36
CA SER B 12 -9.20 -1.76 3.64
CA SER B 12 -9.19 -1.74 3.65
C SER B 12 -9.79 -1.36 2.30
C SER B 12 -9.82 -1.39 2.31
N PRO B 13 -10.83 -0.52 2.30
CA PRO B 13 -11.59 -0.29 1.06
C PRO B 13 -10.86 0.54 0.04
N TRP B 14 -9.72 1.11 0.43
CA TRP B 14 -8.80 1.79 -0.47
C TRP B 14 -7.79 0.84 -1.10
N GLN B 15 -7.82 -0.45 -0.76
N GLN B 15 -7.78 -0.44 -0.75
CA GLN B 15 -6.87 -1.38 -1.36
CA GLN B 15 -6.77 -1.34 -1.31
C GLN B 15 -7.08 -1.44 -2.86
C GLN B 15 -7.04 -1.57 -2.80
N VAL B 16 -5.98 -1.49 -3.60
CA VAL B 16 -6.04 -1.70 -5.05
C VAL B 16 -5.05 -2.78 -5.42
N MET B 17 -5.45 -3.62 -6.36
CA MET B 17 -4.56 -4.61 -6.98
C MET B 17 -4.14 -4.12 -8.36
N LEU B 18 -2.82 -4.04 -8.59
CA LEU B 18 -2.29 -3.78 -9.91
C LEU B 18 -2.16 -5.12 -10.61
N PHE B 19 -2.78 -5.24 -11.78
CA PHE B 19 -2.99 -6.52 -12.44
C PHE B 19 -2.45 -6.45 -13.85
N ARG B 20 -1.61 -7.42 -14.22
N ARG B 20 -1.59 -7.40 -14.22
CA ARG B 20 -1.08 -7.47 -15.57
CA ARG B 20 -1.09 -7.45 -15.58
C ARG B 20 -2.14 -8.09 -16.48
C ARG B 20 -2.14 -8.07 -16.48
N LYS B 21 -2.33 -7.48 -17.66
CA LYS B 21 -3.32 -7.98 -18.62
C LYS B 21 -2.91 -9.31 -19.22
N SER B 22 -1.63 -9.48 -19.57
CA SER B 22 -1.20 -10.64 -20.34
C SER B 22 0.26 -10.90 -20.06
N PRO B 23 0.58 -12.01 -19.36
CA PRO B 23 -0.37 -12.96 -18.75
C PRO B 23 -1.09 -12.32 -17.58
N GLN B 24 -2.29 -12.81 -17.27
CA GLN B 24 -3.08 -12.22 -16.18
C GLN B 24 -2.46 -12.61 -14.84
N GLU B 25 -1.94 -11.62 -14.11
CA GLU B 25 -1.25 -11.94 -12.86
C GLU B 25 -1.20 -10.70 -11.96
N LEU B 26 -1.03 -10.94 -10.66
CA LEU B 26 -0.82 -9.85 -9.71
C LEU B 26 0.53 -9.24 -9.96
N LEU B 27 0.59 -7.91 -10.06
CA LEU B 27 1.85 -7.20 -10.15
C LEU B 27 2.28 -6.51 -8.86
N CYS B 28 1.35 -5.93 -8.11
CA CYS B 28 1.68 -5.07 -6.99
C CYS B 28 0.37 -4.72 -6.31
N GLY B 29 0.51 -4.17 -5.10
CA GLY B 29 -0.55 -3.42 -4.45
C GLY B 29 -0.51 -1.96 -4.85
N ALA B 30 -1.51 -1.23 -4.36
CA ALA B 30 -1.75 0.17 -4.68
C ALA B 30 -2.89 0.64 -3.75
N SER B 31 -3.19 1.94 -3.78
CA SER B 31 -4.25 2.48 -2.93
C SER B 31 -5.05 3.56 -3.66
N LEU B 32 -6.32 3.64 -3.29
CA LEU B 32 -7.25 4.62 -3.85
C LEU B 32 -7.23 5.89 -3.00
N ILE B 33 -6.88 7.01 -3.62
CA ILE B 33 -6.83 8.28 -2.93
C ILE B 33 -7.90 9.26 -3.36
N SER B 34 -8.64 8.98 -4.45
CA SER B 34 -9.78 9.76 -4.87
C SER B 34 -10.53 8.91 -5.88
N ASP B 35 -11.59 9.45 -6.48
CA ASP B 35 -12.34 8.64 -7.44
C ASP B 35 -11.58 8.37 -8.74
N ARG B 36 -10.44 9.02 -8.97
CA ARG B 36 -9.73 8.86 -10.23
C ARG B 36 -8.22 8.68 -10.08
N TRP B 37 -7.70 8.64 -8.85
CA TRP B 37 -6.27 8.56 -8.63
C TRP B 37 -5.92 7.39 -7.73
N VAL B 38 -4.88 6.66 -8.14
CA VAL B 38 -4.36 5.50 -7.43
C VAL B 38 -2.87 5.73 -7.19
N LEU B 39 -2.44 5.47 -5.97
CA LEU B 39 -1.04 5.65 -5.55
C LEU B 39 -0.38 4.27 -5.46
N THR B 40 0.89 4.17 -5.91
CA THR B 40 1.64 2.92 -5.81
C THR B 40 3.13 3.27 -5.70
N ALA B 41 3.95 2.24 -5.68
CA ALA B 41 5.41 2.38 -5.70
C ALA B 41 5.88 2.49 -7.14
N ALA B 42 6.81 3.41 -7.38
CA ALA B 42 7.39 3.53 -8.73
C ALA B 42 8.00 2.22 -9.23
N HIS B 43 8.61 1.43 -8.33
CA HIS B 43 9.27 0.22 -8.79
C HIS B 43 8.29 -0.85 -9.26
N CYS B 44 7.00 -0.70 -8.93
CA CYS B 44 6.00 -1.56 -9.52
C CYS B 44 5.81 -1.33 -11.00
N LEU B 45 6.20 -0.16 -11.48
CA LEU B 45 5.99 0.22 -12.86
C LEU B 45 7.27 0.34 -13.64
N LEU B 46 8.35 0.73 -12.99
CA LEU B 46 9.61 1.00 -13.66
C LEU B 46 10.73 0.46 -12.81
N TYR B 47 11.43 -0.55 -13.33
CA TYR B 47 12.59 -1.10 -12.66
C TYR B 47 13.51 -1.69 -13.74
N PRO B 48 14.36 -0.86 -14.34
CA PRO B 48 15.18 -1.31 -15.47
C PRO B 48 16.07 -2.49 -15.16
N PRO B 49 16.58 -2.66 -13.94
CA PRO B 49 17.42 -3.85 -13.68
C PRO B 49 16.71 -5.15 -14.00
N TRP B 50 15.38 -5.16 -13.93
CA TRP B 50 14.57 -6.35 -14.22
C TRP B 50 13.81 -6.22 -15.53
N ASP B 51 14.23 -5.28 -16.39
CA ASP B 51 13.59 -5.04 -17.67
C ASP B 51 12.11 -4.70 -17.52
N LYS B 52 11.77 -3.99 -16.45
CA LYS B 52 10.39 -3.63 -16.17
C LYS B 52 10.16 -2.16 -16.50
N ASN B 53 9.25 -1.91 -17.44
CA ASN B 53 8.86 -0.54 -17.79
C ASN B 53 7.47 -0.62 -18.39
N PHE B 54 6.46 -0.69 -17.54
CA PHE B 54 5.10 -0.90 -18.02
C PHE B 54 4.53 0.38 -18.63
N THR B 55 3.72 0.21 -19.64
CA THR B 55 2.93 1.32 -20.15
C THR B 55 1.48 1.16 -19.65
N GLU B 56 0.71 2.23 -19.79
CA GLU B 56 -0.70 2.22 -19.36
C GLU B 56 -1.47 1.00 -19.87
N ASN B 57 -1.33 0.70 -21.17
CA ASN B 57 -2.17 -0.33 -21.77
C ASN B 57 -1.77 -1.72 -21.31
N ASP B 58 -0.66 -1.85 -20.59
CA ASP B 58 -0.23 -3.15 -20.11
C ASP B 58 -1.01 -3.60 -18.89
N LEU B 59 -1.74 -2.69 -18.24
CA LEU B 59 -2.13 -2.87 -16.85
C LEU B 59 -3.60 -2.56 -16.64
N LEU B 60 -4.13 -3.14 -15.57
CA LEU B 60 -5.44 -2.77 -15.05
C LEU B 60 -5.31 -2.60 -13.54
N VAL B 61 -6.26 -1.88 -12.96
CA VAL B 61 -6.38 -1.84 -11.50
C VAL B 61 -7.72 -2.46 -11.12
N ARG B 62 -7.71 -3.23 -10.04
CA ARG B 62 -8.89 -3.92 -9.54
C ARG B 62 -9.10 -3.39 -8.13
N ILE B 63 -10.28 -2.84 -7.88
CA ILE B 63 -10.60 -2.09 -6.69
C ILE B 63 -11.81 -2.76 -6.02
N GLY B 64 -11.82 -2.77 -4.69
CA GLY B 64 -12.89 -3.42 -3.97
C GLY B 64 -12.70 -4.90 -3.72
N LYS B 65 -11.49 -5.42 -3.92
CA LYS B 65 -11.28 -6.84 -3.84
C LYS B 65 -11.02 -7.34 -2.41
N HIS B 66 -11.27 -8.64 -2.25
CA HIS B 66 -10.96 -9.39 -1.04
C HIS B 66 -10.22 -10.65 -1.44
N SER B 67 -10.89 -11.52 -2.20
CA SER B 67 -10.23 -12.69 -2.75
C SER B 67 -9.07 -12.28 -3.65
N ARG B 68 -7.96 -13.01 -3.55
CA ARG B 68 -6.82 -12.76 -4.43
C ARG B 68 -7.15 -13.12 -5.87
N THR B 69 -7.68 -14.32 -6.10
CA THR B 69 -7.69 -14.86 -7.45
C THR B 69 -9.06 -14.83 -8.12
N ARG B 70 -10.13 -14.68 -7.34
N ARG B 70 -10.13 -14.70 -7.36
CA ARG B 70 -11.48 -14.72 -7.88
CA ARG B 70 -11.45 -14.80 -7.96
C ARG B 70 -11.83 -13.43 -8.59
C ARG B 70 -11.91 -13.46 -8.53
N TYR B 71 -12.69 -13.53 -9.59
CA TYR B 71 -13.38 -12.36 -10.14
C TYR B 71 -14.61 -12.11 -9.25
N GLU B 72 -14.59 -11.02 -8.48
CA GLU B 72 -15.58 -10.79 -7.43
C GLU B 72 -16.73 -9.98 -8.03
N ARG B 73 -17.57 -10.73 -8.74
CA ARG B 73 -18.68 -10.17 -9.47
C ARG B 73 -19.58 -9.37 -8.53
N ASN B 74 -19.99 -8.19 -8.98
CA ASN B 74 -20.89 -7.25 -8.31
C ASN B 74 -20.24 -6.54 -7.14
N ILE B 75 -18.95 -6.74 -6.93
CA ILE B 75 -18.22 -6.15 -5.81
C ILE B 75 -17.03 -5.38 -6.30
N GLU B 76 -16.07 -6.08 -6.91
CA GLU B 76 -14.89 -5.38 -7.41
C GLU B 76 -15.23 -4.57 -8.65
N LYS B 77 -14.40 -3.58 -8.91
CA LYS B 77 -14.48 -2.77 -10.11
C LYS B 77 -13.11 -2.73 -10.74
N ILE B 78 -13.08 -2.91 -12.06
CA ILE B 78 -11.86 -2.97 -12.83
C ILE B 78 -11.76 -1.71 -13.67
N SER B 79 -10.63 -1.00 -13.56
CA SER B 79 -10.42 0.28 -14.21
C SER B 79 -9.19 0.23 -15.11
N MET B 80 -9.28 0.90 -16.25
CA MET B 80 -8.14 1.08 -17.12
C MET B 80 -7.40 2.35 -16.74
N LEU B 81 -6.14 2.40 -17.15
N LEU B 81 -6.14 2.43 -17.16
CA LEU B 81 -5.28 3.53 -16.83
CA LEU B 81 -5.29 3.54 -16.80
C LEU B 81 -5.33 4.55 -17.94
C LEU B 81 -5.24 4.56 -17.92
N GLU B 82 -5.51 5.81 -17.57
CA GLU B 82 -5.29 6.89 -18.52
C GLU B 82 -3.81 7.27 -18.59
N LYS B 83 -3.14 7.39 -17.46
CA LYS B 83 -1.76 7.89 -17.47
C LYS B 83 -1.04 7.47 -16.20
N ILE B 84 0.25 7.10 -16.36
CA ILE B 84 1.19 6.82 -15.28
C ILE B 84 2.08 8.03 -15.08
N TYR B 85 2.32 8.39 -13.81
CA TYR B 85 3.26 9.45 -13.44
C TYR B 85 4.24 8.92 -12.41
N ILE B 86 5.51 8.90 -12.76
N ILE B 86 5.52 8.93 -12.73
CA ILE B 86 6.59 8.45 -11.89
CA ILE B 86 6.55 8.44 -11.83
C ILE B 86 7.26 9.69 -11.30
C ILE B 86 7.33 9.63 -11.31
N HIS B 87 7.65 9.62 -10.03
CA HIS B 87 8.41 10.73 -9.46
C HIS B 87 9.66 10.99 -10.31
N PRO B 88 9.93 12.24 -10.71
CA PRO B 88 11.06 12.49 -11.62
C PRO B 88 12.42 12.22 -11.00
N ARG B 89 12.49 12.16 -9.68
CA ARG B 89 13.74 11.84 -8.99
C ARG B 89 13.70 10.47 -8.31
N TYR B 90 12.80 9.59 -8.75
CA TYR B 90 12.82 8.19 -8.33
C TYR B 90 14.18 7.57 -8.69
N ASN B 91 14.83 7.02 -7.69
CA ASN B 91 16.20 6.51 -7.87
C ASN B 91 16.19 4.99 -7.95
N TRP B 92 15.92 4.48 -9.16
CA TRP B 92 15.97 3.04 -9.38
C TRP B 92 17.39 2.54 -9.51
N ARG B 93 18.35 3.43 -9.70
N ARG B 93 18.35 3.45 -9.68
CA ARG B 93 19.72 2.98 -9.89
CA ARG B 93 19.73 3.04 -9.90
C ARG B 93 20.34 2.49 -8.60
C ARG B 93 20.39 2.56 -8.63
N GLU B 94 20.01 3.11 -7.47
CA GLU B 94 20.73 2.86 -6.21
C GLU B 94 19.86 2.23 -5.14
N ASN B 95 18.91 2.98 -4.57
CA ASN B 95 18.27 2.59 -3.31
C ASN B 95 16.77 2.77 -3.31
N LEU B 96 16.14 2.98 -4.46
CA LEU B 96 14.69 3.21 -4.54
C LEU B 96 14.26 4.48 -3.81
N ASP B 97 15.14 5.47 -3.70
CA ASP B 97 14.72 6.75 -3.13
C ASP B 97 13.56 7.34 -3.93
N ARG B 98 12.58 7.87 -3.21
CA ARG B 98 11.39 8.50 -3.82
C ARG B 98 10.57 7.50 -4.63
N ASP B 99 10.32 6.35 -4.01
CA ASP B 99 9.66 5.21 -4.68
C ASP B 99 8.15 5.44 -4.66
N ILE B 100 7.68 6.28 -5.59
CA ILE B 100 6.28 6.73 -5.60
C ILE B 100 5.84 6.98 -7.03
N ALA B 101 4.60 6.57 -7.31
CA ALA B 101 3.99 6.80 -8.63
C ALA B 101 2.49 6.96 -8.45
N LEU B 102 1.91 7.69 -9.38
CA LEU B 102 0.47 7.87 -9.44
C LEU B 102 -0.06 7.29 -10.74
N MET B 103 -1.28 6.79 -10.70
CA MET B 103 -2.01 6.33 -11.88
C MET B 103 -3.35 7.05 -11.92
N LYS B 104 -3.62 7.72 -13.04
CA LYS B 104 -4.91 8.36 -13.25
C LYS B 104 -5.80 7.38 -14.01
N LEU B 105 -7.01 7.19 -13.51
CA LEU B 105 -7.93 6.24 -14.14
C LEU B 105 -8.65 6.88 -15.32
N LYS B 106 -9.02 6.05 -16.30
CA LYS B 106 -9.73 6.57 -17.45
C LYS B 106 -11.11 7.11 -17.08
N LYS B 107 -11.78 6.51 -16.11
CA LYS B 107 -13.09 6.98 -15.66
C LYS B 107 -13.12 6.92 -14.14
N PRO B 108 -13.85 7.82 -13.50
CA PRO B 108 -13.99 7.73 -12.03
C PRO B 108 -14.65 6.42 -11.61
N VAL B 109 -14.17 5.88 -10.48
CA VAL B 109 -14.75 4.68 -9.90
C VAL B 109 -15.86 5.08 -8.93
N ALA B 110 -16.94 4.32 -8.91
CA ALA B 110 -18.02 4.59 -7.97
C ALA B 110 -17.66 4.01 -6.61
N PHE B 111 -17.82 4.83 -5.57
CA PHE B 111 -17.56 4.33 -4.23
C PHE B 111 -18.69 3.41 -3.80
N SER B 112 -18.41 2.56 -2.81
CA SER B 112 -19.36 1.58 -2.32
C SER B 112 -18.95 1.19 -0.91
N ASP B 113 -19.61 0.18 -0.35
CA ASP B 113 -19.17 -0.35 0.94
C ASP B 113 -17.74 -0.89 0.87
N TYR B 114 -17.28 -1.26 -0.31
CA TYR B 114 -16.03 -1.97 -0.52
C TYR B 114 -14.95 -1.11 -1.14
N ILE B 115 -15.32 0.10 -1.59
CA ILE B 115 -14.47 0.99 -2.39
C ILE B 115 -14.59 2.38 -1.77
N HIS B 116 -13.49 2.88 -1.22
CA HIS B 116 -13.51 4.16 -0.54
C HIS B 116 -12.09 4.67 -0.40
N PRO B 117 -11.82 5.96 -0.59
CA PRO B 117 -10.44 6.47 -0.54
C PRO B 117 -9.88 6.65 0.86
N VAL B 118 -8.56 6.45 0.94
CA VAL B 118 -7.79 6.76 2.16
C VAL B 118 -7.37 8.22 2.14
N CYS B 119 -7.13 8.80 3.32
CA CYS B 119 -6.61 10.16 3.38
C CYS B 119 -5.10 10.18 3.23
N LEU B 120 -4.59 11.27 2.69
CA LEU B 120 -3.17 11.53 2.72
C LEU B 120 -2.85 12.46 3.88
N PRO B 121 -1.73 12.26 4.57
CA PRO B 121 -1.44 13.03 5.77
C PRO B 121 -1.11 14.49 5.48
N ASP B 122 -1.54 15.34 6.40
CA ASP B 122 -1.04 16.69 6.55
C ASP B 122 0.24 16.66 7.39
N ARG B 123 0.95 17.79 7.41
CA ARG B 123 2.21 17.86 8.12
C ARG B 123 2.06 17.49 9.58
N GLU B 124 0.95 17.94 10.20
CA GLU B 124 0.76 17.74 11.63
C GLU B 124 0.43 16.29 11.96
N THR B 125 -0.43 15.66 11.19
CA THR B 125 -0.70 14.26 11.43
C THR B 125 0.58 13.44 11.24
N ALA B 126 1.37 13.75 10.22
CA ALA B 126 2.63 13.05 10.03
C ALA B 126 3.58 13.23 11.20
N ALA B 127 3.75 14.48 11.66
CA ALA B 127 4.65 14.74 12.78
C ALA B 127 4.20 14.00 14.02
N SER B 128 2.88 13.95 14.25
N SER B 128 2.88 13.94 14.24
CA SER B 128 2.36 13.33 15.46
CA SER B 128 2.30 13.35 15.45
C SER B 128 2.51 11.81 15.42
C SER B 128 2.35 11.83 15.45
N LEU B 129 2.22 11.20 14.28
CA LEU B 129 2.10 9.76 14.22
C LEU B 129 3.34 9.01 13.77
N LEU B 130 4.26 9.67 13.06
N LEU B 130 4.27 9.63 13.06
CA LEU B 130 5.47 9.01 12.57
CA LEU B 130 5.39 8.86 12.52
C LEU B 130 6.51 9.01 13.68
C LEU B 130 6.54 8.86 13.54
N GLN B 131 6.30 8.11 14.62
CA GLN B 131 7.15 8.04 15.78
C GLN B 131 7.49 6.57 16.03
N ALA B 132 8.73 6.32 16.45
CA ALA B 132 9.16 4.96 16.76
C ALA B 132 8.23 4.34 17.79
N GLY B 133 7.83 3.10 17.54
CA GLY B 133 6.93 2.36 18.39
C GLY B 133 5.46 2.48 18.01
N TYR B 134 5.08 3.55 17.33
CA TYR B 134 3.71 3.70 16.87
C TYR B 134 3.47 2.70 15.74
N LYS B 135 2.31 2.05 15.77
CA LYS B 135 2.02 1.00 14.79
C LYS B 135 1.16 1.51 13.65
N GLY B 136 1.47 0.99 12.47
CA GLY B 136 0.63 1.12 11.31
C GLY B 136 0.22 -0.26 10.83
N ARG B 137 -0.49 -0.26 9.71
CA ARG B 137 -1.06 -1.48 9.18
C ARG B 137 -0.72 -1.60 7.72
N VAL B 138 -0.27 -2.79 7.33
CA VAL B 138 0.11 -3.10 5.96
C VAL B 138 -0.82 -4.19 5.45
N THR B 139 -1.26 -4.06 4.21
CA THR B 139 -2.19 -5.00 3.60
C THR B 139 -1.73 -5.39 2.21
N GLY B 140 -2.03 -6.63 1.82
CA GLY B 140 -1.71 -7.02 0.47
C GLY B 140 -1.98 -8.50 0.22
N TRP B 141 -1.79 -8.88 -1.04
CA TRP B 141 -2.01 -10.24 -1.52
C TRP B 141 -0.68 -10.93 -1.83
N GLY B 142 0.44 -10.40 -1.35
CA GLY B 142 1.74 -10.98 -1.62
C GLY B 142 1.99 -12.27 -0.85
N ASN B 143 3.19 -12.81 -1.06
CA ASN B 143 3.49 -14.14 -0.53
C ASN B 143 3.43 -14.16 1.00
N LEU B 144 3.12 -15.33 1.51
CA LEU B 144 2.98 -15.58 2.93
C LEU B 144 4.31 -15.92 3.59
N LYS B 145 5.35 -16.22 2.82
CA LYS B 145 6.68 -16.46 3.35
C LYS B 145 7.68 -16.18 2.26
N GLU B 146 8.90 -15.93 2.69
CA GLU B 146 9.95 -15.57 1.75
C GLU B 146 10.21 -16.71 0.78
N THR B 147 10.21 -17.94 1.27
CA THR B 147 10.47 -19.10 0.44
C THR B 147 9.40 -20.14 0.71
N GLY B 148 1.98 -20.92 0.11
CA GLY B 148 2.80 -19.75 -0.11
C GLY B 148 2.03 -18.50 -0.49
N GLN B 149 0.82 -18.63 -1.03
CA GLN B 149 0.07 -17.46 -1.45
C GLN B 149 -1.32 -17.45 -0.85
N PRO B 150 -1.87 -16.28 -0.51
CA PRO B 150 -3.13 -16.23 0.23
C PRO B 150 -4.39 -16.35 -0.64
N SER B 151 -5.43 -16.93 -0.04
N SER B 151 -5.43 -16.90 -0.02
CA SER B 151 -6.75 -16.90 -0.66
CA SER B 151 -6.75 -16.93 -0.66
C SER B 151 -7.32 -15.49 -0.70
C SER B 151 -7.45 -15.57 -0.62
N VAL B 152 -7.19 -14.75 0.41
CA VAL B 152 -7.78 -13.43 0.53
C VAL B 152 -6.75 -12.43 1.03
N LEU B 153 -7.12 -11.16 0.96
CA LEU B 153 -6.28 -10.05 1.42
C LEU B 153 -5.80 -10.30 2.84
N GLN B 154 -4.51 -10.05 3.06
CA GLN B 154 -3.85 -10.23 4.34
C GLN B 154 -3.54 -8.88 4.97
N VAL B 155 -3.47 -8.88 6.31
N VAL B 155 -3.51 -8.85 6.31
CA VAL B 155 -3.31 -7.68 7.12
CA VAL B 155 -3.30 -7.63 7.07
C VAL B 155 -2.28 -7.98 8.21
C VAL B 155 -2.33 -7.94 8.22
N VAL B 156 -1.41 -7.01 8.48
CA VAL B 156 -0.52 -7.09 9.62
C VAL B 156 -0.28 -5.70 10.17
N ASN B 157 -0.24 -5.58 11.49
CA ASN B 157 0.08 -4.32 12.14
C ASN B 157 1.54 -4.37 12.60
N LEU B 158 2.31 -3.31 12.31
CA LEU B 158 3.75 -3.29 12.57
C LEU B 158 4.19 -1.96 13.15
N PRO B 159 5.12 -1.96 14.10
CA PRO B 159 5.60 -0.72 14.68
C PRO B 159 6.67 -0.05 13.82
N ILE B 160 6.59 1.28 13.73
CA ILE B 160 7.67 2.09 13.16
C ILE B 160 8.91 1.91 14.02
N VAL B 161 10.06 1.87 13.37
CA VAL B 161 11.34 1.61 14.03
C VAL B 161 12.18 2.88 14.04
N GLU B 162 12.94 3.05 15.12
CA GLU B 162 13.90 4.15 15.25
C GLU B 162 14.81 4.23 14.04
N ARG B 163 15.06 5.44 13.55
CA ARG B 163 15.89 5.59 12.35
C ARG B 163 17.28 4.98 12.47
N PRO B 164 17.99 5.10 13.60
CA PRO B 164 19.31 4.45 13.67
C PRO B 164 19.24 2.94 13.56
N VAL B 165 18.19 2.32 14.10
CA VAL B 165 18.03 0.88 13.99
C VAL B 165 17.76 0.51 12.54
N CYS B 166 16.91 1.27 11.84
CA CYS B 166 16.71 1.03 10.43
C CYS B 166 18.03 1.07 9.68
N LYS B 167 18.81 2.13 9.89
N LYS B 167 18.80 2.15 9.88
CA LYS B 167 20.04 2.28 9.14
CA LYS B 167 20.07 2.33 9.19
C LYS B 167 21.05 1.18 9.47
C LYS B 167 21.02 1.16 9.47
N ASP B 168 21.10 0.75 10.73
CA ASP B 168 22.08 -0.24 11.17
C ASP B 168 21.70 -1.65 10.80
N SER B 169 20.52 -1.85 10.20
CA SER B 169 20.05 -3.16 9.80
C SER B 169 20.43 -3.53 8.37
N THR B 170 21.05 -2.61 7.62
CA THR B 170 21.22 -2.79 6.19
C THR B 170 22.47 -2.06 5.75
N ARG B 171 23.01 -2.48 4.61
CA ARG B 171 24.08 -1.75 3.93
C ARG B 171 23.55 -0.71 2.95
N ILE B 172 22.26 -0.74 2.63
CA ILE B 172 21.69 0.22 1.70
C ILE B 172 21.66 1.59 2.37
N ARG B 173 21.89 2.62 1.57
CA ARG B 173 21.80 4.00 2.04
C ARG B 173 20.32 4.38 2.24
N ILE B 174 19.94 4.70 3.48
CA ILE B 174 18.56 5.09 3.80
C ILE B 174 18.44 6.60 3.70
N THR B 175 17.34 7.09 3.18
CA THR B 175 17.11 8.52 3.04
C THR B 175 15.91 8.96 3.85
N ASP B 176 15.78 10.29 3.97
CA ASP B 176 14.63 10.88 4.65
C ASP B 176 13.29 10.57 3.96
N ASN B 177 13.31 10.08 2.73
CA ASN B 177 12.10 9.70 2.03
C ASN B 177 11.67 8.28 2.29
N MET B 178 12.27 7.65 3.30
CA MET B 178 11.97 6.29 3.71
C MET B 178 11.78 6.24 5.20
N PHE B 179 10.96 5.30 5.64
CA PHE B 179 10.99 4.88 7.05
C PHE B 179 10.94 3.37 7.07
N CYS B 180 11.27 2.76 8.21
CA CYS B 180 11.17 1.31 8.30
C CYS B 180 10.27 0.90 9.46
N ALA B 181 9.75 -0.33 9.37
CA ALA B 181 8.79 -0.84 10.34
C ALA B 181 8.93 -2.34 10.46
N GLY B 182 8.58 -2.84 11.62
CA GLY B 182 8.69 -4.25 11.97
C GLY B 182 9.10 -4.47 13.41
N TYR B 183 8.96 -5.69 13.89
CA TYR B 183 9.37 -6.02 15.25
C TYR B 183 10.86 -6.34 15.27
N LYS B 184 11.48 -6.06 16.40
CA LYS B 184 12.86 -6.43 16.63
C LYS B 184 12.93 -7.89 17.05
N PRO B 185 14.09 -8.53 16.90
CA PRO B 185 14.21 -9.93 17.34
C PRO B 185 13.78 -10.15 18.79
N ASP B 186 14.12 -9.23 19.69
CA ASP B 186 13.80 -9.42 21.10
C ASP B 186 12.34 -9.13 21.42
N GLU B 187 11.59 -8.59 20.47
CA GLU B 187 10.18 -8.30 20.70
C GLU B 187 9.28 -9.52 20.52
N GLY B 188 9.79 -10.61 19.94
CA GLY B 188 9.01 -11.83 19.82
C GLY B 188 8.02 -11.87 18.65
N LYS B 189 7.07 -10.92 18.62
CA LYS B 189 6.09 -10.86 17.55
C LYS B 189 6.81 -10.68 16.22
N ARG B 190 6.13 -11.04 15.15
CA ARG B 190 6.73 -11.07 13.82
C ARG B 190 5.79 -10.43 12.82
N GLY B 191 6.21 -10.43 11.57
CA GLY B 191 5.40 -9.88 10.49
C GLY B 191 6.16 -8.97 9.53
N ASP B 192 5.74 -9.01 8.27
CA ASP B 192 6.38 -8.20 7.25
C ASP B 192 5.53 -8.22 6.00
N ALA B 193 5.82 -7.28 5.11
CA ALA B 193 5.40 -7.41 3.74
C ALA B 193 6.29 -8.42 3.02
N CYS B 194 5.86 -8.83 1.83
CA CYS B 194 6.68 -9.75 1.04
C CYS B 194 6.40 -9.53 -0.44
N GLU B 195 6.99 -10.38 -1.28
CA GLU B 195 6.84 -10.23 -2.73
C GLU B 195 5.36 -10.20 -3.12
N GLY B 196 4.99 -9.18 -3.89
CA GLY B 196 3.64 -8.97 -4.32
C GLY B 196 2.89 -7.93 -3.49
N ASP B 197 3.42 -7.57 -2.31
CA ASP B 197 2.80 -6.53 -1.49
C ASP B 197 3.27 -5.13 -1.85
N SER B 198 4.39 -5.02 -2.53
CA SER B 198 4.94 -3.75 -2.94
C SER B 198 3.89 -2.86 -3.57
N GLY B 199 3.98 -1.57 -3.26
CA GLY B 199 3.09 -0.59 -3.79
C GLY B 199 1.84 -0.39 -2.96
N GLY B 200 1.50 -1.33 -2.08
CA GLY B 200 0.36 -1.17 -1.21
C GLY B 200 0.62 -0.22 -0.05
N PRO B 201 -0.42 0.03 0.74
CA PRO B 201 -0.35 1.10 1.73
C PRO B 201 0.05 0.64 3.13
N PHE B 202 0.78 1.53 3.83
CA PHE B 202 1.01 1.51 5.28
C PHE B 202 0.13 2.61 5.83
N VAL B 203 -0.88 2.24 6.60
CA VAL B 203 -1.88 3.19 7.06
C VAL B 203 -1.86 3.28 8.58
N MET B 204 -2.31 4.43 9.10
CA MET B 204 -2.44 4.65 10.53
C MET B 204 -3.79 5.29 10.76
N LYS B 205 -4.43 4.97 11.87
CA LYS B 205 -5.74 5.56 12.18
C LYS B 205 -5.51 6.70 13.17
N SER B 206 -5.78 7.90 12.74
CA SER B 206 -5.54 9.05 13.61
C SER B 206 -6.40 8.98 14.85
N PRO B 207 -5.82 9.10 16.05
CA PRO B 207 -6.64 9.15 17.26
C PRO B 207 -7.27 10.50 17.51
N PHE B 208 -6.93 11.49 16.69
CA PHE B 208 -7.47 12.83 16.80
C PHE B 208 -8.81 12.94 16.08
N ASN B 209 -8.91 12.36 14.88
CA ASN B 209 -10.14 12.50 14.09
C ASN B 209 -10.72 11.18 13.60
N ASN B 210 -10.16 10.05 14.02
CA ASN B 210 -10.69 8.72 13.72
C ASN B 210 -10.72 8.37 12.23
N ARG B 211 -9.84 9.00 11.44
CA ARG B 211 -9.69 8.73 10.02
C ARG B 211 -8.40 7.98 9.75
N TRP B 212 -8.44 7.13 8.75
CA TRP B 212 -7.25 6.45 8.26
C TRP B 212 -6.46 7.30 7.28
N TYR B 213 -5.15 7.34 7.52
CA TYR B 213 -4.19 8.06 6.71
C TYR B 213 -3.13 7.13 6.17
N GLN B 214 -2.74 7.33 4.91
CA GLN B 214 -1.67 6.54 4.32
C GLN B 214 -0.34 7.24 4.56
N MET B 215 0.44 6.69 5.49
CA MET B 215 1.73 7.25 5.81
C MET B 215 2.85 6.69 4.96
N GLY B 216 2.71 5.46 4.45
CA GLY B 216 3.78 4.85 3.70
C GLY B 216 3.26 4.05 2.52
N ILE B 217 4.21 3.69 1.65
CA ILE B 217 3.99 2.77 0.53
C ILE B 217 5.00 1.64 0.72
N VAL B 218 4.54 0.39 0.64
CA VAL B 218 5.45 -0.76 0.69
C VAL B 218 6.49 -0.62 -0.40
N SER B 219 7.77 -0.49 -0.02
CA SER B 219 8.81 -0.17 -0.99
C SER B 219 9.84 -1.28 -1.17
N TRP B 220 10.55 -1.68 -0.12
CA TRP B 220 11.57 -2.71 -0.31
C TRP B 220 11.91 -3.38 1.01
N GLY B 221 12.53 -4.54 0.90
CA GLY B 221 13.07 -5.24 2.03
C GLY B 221 14.10 -6.23 1.55
N GLU B 222 14.88 -6.74 2.48
N GLU B 222 14.87 -6.76 2.50
CA GLU B 222 15.87 -7.77 2.19
CA GLU B 222 15.89 -7.77 2.24
C GLU B 222 15.31 -9.07 2.78
C GLU B 222 15.34 -9.09 2.80
N GLY B 223 14.74 -9.88 1.92
CA GLY B 223 13.97 -11.03 2.35
C GLY B 223 12.61 -10.61 2.86
N CYS B 224 11.96 -11.53 3.56
CA CYS B 224 10.70 -11.23 4.23
C CYS B 224 10.73 -11.78 5.64
N ASP B 225 10.38 -10.93 6.61
CA ASP B 225 10.23 -11.33 8.01
C ASP B 225 11.51 -11.96 8.55
N ARG B 226 12.67 -11.48 8.12
CA ARG B 226 13.92 -11.98 8.68
C ARG B 226 14.22 -11.27 9.99
N ASP B 227 14.75 -12.02 10.95
CA ASP B 227 15.19 -11.42 12.20
C ASP B 227 16.27 -10.38 11.94
N GLY B 228 16.09 -9.19 12.52
CA GLY B 228 17.07 -8.14 12.39
C GLY B 228 16.94 -7.31 11.15
N LYS B 229 16.00 -7.65 10.27
N LYS B 229 16.01 -7.66 10.25
CA LYS B 229 15.71 -6.86 9.08
CA LYS B 229 15.72 -6.88 9.07
C LYS B 229 14.32 -6.25 9.24
C LYS B 229 14.37 -6.20 9.30
N TYR B 230 14.09 -5.17 8.51
CA TYR B 230 12.86 -4.39 8.60
C TYR B 230 12.38 -4.08 7.20
N GLY B 231 11.06 -3.89 7.06
CA GLY B 231 10.54 -3.44 5.79
C GLY B 231 10.69 -1.93 5.67
N PHE B 232 10.95 -1.46 4.44
CA PHE B 232 11.13 -0.05 4.15
C PHE B 232 9.95 0.47 3.33
N TYR B 233 9.53 1.66 3.68
CA TYR B 233 8.31 2.27 3.18
C TYR B 233 8.62 3.67 2.68
N THR B 234 8.01 4.04 1.56
CA THR B 234 8.09 5.40 1.07
C THR B 234 7.35 6.34 2.01
N HIS B 235 8.00 7.45 2.36
CA HIS B 235 7.46 8.45 3.29
C HIS B 235 6.53 9.36 2.51
N VAL B 236 5.22 9.08 2.56
CA VAL B 236 4.26 9.74 1.70
C VAL B 236 4.22 11.25 1.96
N PHE B 237 4.19 11.65 3.23
CA PHE B 237 4.12 13.09 3.50
C PHE B 237 5.30 13.84 2.90
N ARG B 238 6.52 13.29 2.99
CA ARG B 238 7.70 13.97 2.47
C ARG B 238 7.59 14.21 0.96
N LEU B 239 6.80 13.40 0.25
CA LEU B 239 6.65 13.49 -1.19
C LEU B 239 5.30 14.09 -1.59
N LYS B 240 4.55 14.64 -0.63
CA LYS B 240 3.21 15.08 -0.95
C LYS B 240 3.19 16.28 -1.88
N LYS B 241 4.21 17.15 -1.85
CA LYS B 241 4.22 18.30 -2.75
C LYS B 241 4.23 17.84 -4.22
N TRP B 242 4.94 16.74 -4.50
CA TRP B 242 4.91 16.18 -5.85
C TRP B 242 3.54 15.59 -6.17
N ILE B 243 2.95 14.86 -5.23
CA ILE B 243 1.60 14.33 -5.42
C ILE B 243 0.64 15.45 -5.77
N GLN B 244 0.66 16.51 -4.97
CA GLN B 244 -0.24 17.64 -5.18
C GLN B 244 0.00 18.29 -6.53
N LYS B 245 1.27 18.47 -6.90
CA LYS B 245 1.57 19.10 -8.18
C LYS B 245 1.02 18.28 -9.34
N VAL B 246 1.14 16.95 -9.28
CA VAL B 246 0.59 16.11 -10.33
C VAL B 246 -0.93 16.23 -10.38
N ILE B 247 -1.58 16.12 -9.22
CA ILE B 247 -3.04 16.13 -9.22
C ILE B 247 -3.56 17.50 -9.64
N ASP B 248 -2.95 18.56 -9.13
CA ASP B 248 -3.41 19.90 -9.47
C ASP B 248 -3.31 20.16 -10.96
N GLN B 249 -2.33 19.56 -11.64
CA GLN B 249 -2.06 19.92 -13.01
C GLN B 249 -2.62 18.93 -14.03
N PHE B 250 -2.89 17.71 -13.62
CA PHE B 250 -3.36 16.70 -14.55
C PHE B 250 -4.72 16.13 -14.19
N GLY B 251 -5.27 16.50 -13.03
CA GLY B 251 -6.55 15.98 -12.59
C GLY B 251 -7.66 16.90 -13.03
N ASP C 1 -3.93 -19.53 -12.67
CA ASP C 1 -4.08 -19.25 -11.23
C ASP C 1 -5.23 -18.27 -10.89
N PHE C 2 -5.44 -17.27 -11.73
CA PHE C 2 -6.49 -16.29 -11.54
C PHE C 2 -7.72 -16.61 -12.38
N GLU C 3 -8.89 -16.36 -11.84
CA GLU C 3 -10.12 -16.50 -12.61
C GLU C 3 -10.13 -15.46 -13.72
N GLU C 4 -10.56 -15.89 -14.91
CA GLU C 4 -10.64 -14.98 -16.04
C GLU C 4 -11.52 -13.79 -15.70
N ILE C 5 -11.11 -12.61 -16.11
CA ILE C 5 -11.93 -11.42 -15.88
C ILE C 5 -12.76 -11.18 -17.13
N PRO C 6 -13.86 -10.44 -17.03
CA PRO C 6 -14.69 -10.16 -18.22
C PRO C 6 -13.88 -9.58 -19.36
N GLU C 7 -14.18 -10.05 -20.58
CA GLU C 7 -13.43 -9.62 -21.76
C GLU C 7 -13.53 -8.12 -22.00
N GLU C 8 -14.60 -7.47 -21.53
CA GLU C 8 -14.75 -6.03 -21.72
C GLU C 8 -13.58 -5.22 -21.15
N TYS C 9 -12.91 -5.74 -20.12
CA TYS C 9 -11.79 -5.00 -19.53
CB TYS C 9 -11.62 -5.39 -18.06
CG TYS C 9 -12.89 -5.16 -17.27
CD1 TYS C 9 -13.56 -6.26 -16.72
CD2 TYS C 9 -13.41 -3.89 -17.09
CE1 TYS C 9 -14.74 -6.08 -16.00
CE2 TYS C 9 -14.59 -3.71 -16.36
CZ TYS C 9 -15.27 -4.81 -15.82
OH TYS C 9 -16.43 -4.67 -15.09
S TYS C 9 -16.34 -4.40 -13.54
O1 TYS C 9 -17.75 -4.33 -13.15
O2 TYS C 9 -15.58 -5.42 -12.87
O3 TYS C 9 -15.66 -2.96 -13.35
C TYS C 9 -10.48 -5.23 -20.23
O TYS C 9 -9.46 -4.58 -19.88
H TYS C 9 -13.11 -6.50 -19.77
HA TYS C 9 -11.99 -4.05 -19.57
HB2 TYS C 9 -10.90 -4.85 -17.66
HB3 TYS C 9 -11.36 -6.31 -17.99
HD1 TYS C 9 -13.22 -7.12 -16.85
HD2 TYS C 9 -12.98 -3.14 -17.45
HE1 TYS C 9 -15.18 -6.82 -15.64
HE2 TYS C 9 -14.93 -2.86 -16.24
HO3 TYS C 9 -15.54 -2.65 -12.57
N LEU C 10 -10.47 -6.12 -21.22
CA LEU C 10 -9.23 -6.41 -21.94
C LEU C 10 -9.26 -5.81 -23.35
N GLN C 11 -10.41 -5.29 -23.76
CA GLN C 11 -10.56 -4.77 -25.13
C GLN C 11 -10.13 -3.31 -25.20
NA NA D . 23.93 0.53 7.70
NA NA E . 12.30 -8.62 10.69
CL DKQ F . 8.32 -3.41 3.09
C4 DKQ F . 8.81 -4.78 2.12
C3 DKQ F . 9.20 -5.95 2.74
C2 DKQ F . 9.64 -7.01 1.97
C5 DKQ F . 8.85 -4.65 0.75
C6 DKQ F . 9.27 -5.72 -0.02
C1 DKQ F . 9.67 -6.90 0.57
C DKQ F . 10.13 -8.02 -0.29
N1 DKQ F . 9.68 -8.05 -1.54
N DKQ F . 10.99 -8.91 0.10
S DMS G . 10.15 7.80 11.49
O DMS G . 11.31 7.35 10.64
C1 DMS G . 10.63 7.40 13.20
C2 DMS G . 10.20 9.61 11.58
S DMS H . -2.69 17.50 15.26
S DMS H . -3.45 16.80 15.83
O DMS H . -2.15 17.22 16.63
O DMS H . -2.59 17.04 17.03
C1 DMS H . -2.46 15.99 14.28
C1 DMS H . -3.82 18.37 15.03
C2 DMS H . -4.50 17.53 15.28
C2 DMS H . -2.45 16.04 14.55
S DMS I . 27.40 -9.30 3.24
O DMS I . 26.70 -7.97 3.30
C1 DMS I . 26.60 -10.38 4.45
C2 DMS I . 26.78 -10.15 1.76
P PO4 J . 19.39 10.58 -4.76
O1 PO4 J . 18.47 10.67 -5.95
O2 PO4 J . 18.76 9.44 -3.95
O3 PO4 J . 20.78 10.21 -5.21
O4 PO4 J . 19.34 11.92 -4.05
C1 GOL K . 22.40 -7.05 14.09
O1 GOL K . 21.07 -7.02 13.57
C2 GOL K . 22.76 -5.70 14.66
O2 GOL K . 22.10 -5.48 15.90
C3 GOL K . 22.41 -4.61 13.65
O3 GOL K . 23.18 -4.78 12.48
C1 NAG L . 10.35 3.62 -20.01
C2 NAG L . 11.66 4.35 -20.27
C3 NAG L . 11.31 5.70 -20.90
C4 NAG L . 10.54 5.49 -22.19
C5 NAG L . 9.27 4.69 -21.91
C6 NAG L . 8.54 4.28 -23.17
C7 NAG L . 13.60 3.98 -18.82
C8 NAG L . 14.30 4.39 -17.56
N2 NAG L . 12.42 4.55 -19.04
O3 NAG L . 12.49 6.43 -21.13
O4 NAG L . 10.20 6.74 -22.78
O5 NAG L . 9.62 3.47 -21.24
O6 NAG L . 7.56 3.30 -22.89
O7 NAG L . 14.08 3.15 -19.59
#